data_1VAI
#
_entry.id   1VAI
#
_cell.length_a   78.730
_cell.length_b   78.730
_cell.length_c   56.160
_cell.angle_alpha   90.00
_cell.angle_beta   90.00
_cell.angle_gamma   120.0
#
_symmetry.space_group_name_H-M   'P 32'
#
loop_
_entity.id
_entity.type
_entity.pdbx_description
1 polymer 'cyclophilin B'
2 polymer (ACE)AAPA(MCM)
3 water water
#
loop_
_entity_poly.entity_id
_entity_poly.type
_entity_poly.pdbx_seq_one_letter_code
_entity_poly.pdbx_strand_id
1 'polypeptide(L)'
;AKGDPHVLLTTSAGNIELELDKQKAPVSVQNFVDYVNSGFYNNTTFHRVIPGFMIQGGGFTEQMQQKKPNPPIKNEADNG
LRNTRGTIAMARTADKDSATSQFFINVADNAFLDHGQRDFGYAVFGKVVKGMDVADKISQVPTHDVGPYQNVPSKPVVIL
SATVLP
;
A,B
2 'polypeptide(L)' (ACE)AAPA(MCM) C
#
# COMPACT_ATOMS: atom_id res chain seq x y z
N ALA A 1 20.49 10.23 -22.12
CA ALA A 1 19.07 9.87 -22.38
C ALA A 1 18.14 11.08 -22.24
N LYS A 2 18.47 12.15 -22.95
CA LYS A 2 17.68 13.38 -22.91
C LYS A 2 17.36 13.84 -24.32
N GLY A 3 17.22 12.88 -25.23
CA GLY A 3 16.91 13.18 -26.61
C GLY A 3 15.98 14.34 -26.81
N ASP A 4 14.87 14.38 -26.08
CA ASP A 4 13.89 15.47 -26.17
C ASP A 4 12.51 15.16 -25.60
N PRO A 5 11.82 14.13 -26.14
CA PRO A 5 10.48 13.79 -25.63
C PRO A 5 10.38 13.45 -24.16
N HIS A 6 9.35 13.97 -23.52
CA HIS A 6 9.12 13.68 -22.12
C HIS A 6 7.81 12.91 -22.08
N VAL A 7 7.81 11.84 -21.29
CA VAL A 7 6.63 11.01 -21.17
C VAL A 7 6.28 10.82 -19.71
N LEU A 8 5.00 10.98 -19.40
CA LEU A 8 4.55 10.79 -18.04
C LEU A 8 3.77 9.49 -17.95
N LEU A 9 4.20 8.62 -17.05
CA LEU A 9 3.52 7.36 -16.82
C LEU A 9 2.81 7.54 -15.50
N THR A 10 1.49 7.49 -15.51
CA THR A 10 0.75 7.62 -14.25
C THR A 10 0.31 6.22 -13.86
N THR A 11 0.87 5.70 -12.78
CA THR A 11 0.56 4.36 -12.31
C THR A 11 -0.22 4.43 -11.01
N SER A 12 -0.81 3.31 -10.62
CA SER A 12 -1.56 3.26 -9.37
C SER A 12 -0.65 3.47 -8.16
N ALA A 13 0.66 3.46 -8.38
CA ALA A 13 1.63 3.64 -7.31
C ALA A 13 2.29 5.02 -7.29
N GLY A 14 2.01 5.83 -8.30
CA GLY A 14 2.60 7.15 -8.36
C GLY A 14 3.01 7.48 -9.78
N ASN A 15 3.55 8.67 -9.99
CA ASN A 15 3.94 9.08 -11.32
C ASN A 15 5.43 8.99 -11.61
N ILE A 16 5.75 8.59 -12.82
CA ILE A 16 7.13 8.47 -13.25
C ILE A 16 7.27 9.28 -14.54
N GLU A 17 8.21 10.21 -14.56
CA GLU A 17 8.43 11.01 -15.74
C GLU A 17 9.72 10.56 -16.42
N LEU A 18 9.66 10.42 -17.73
CA LEU A 18 10.81 9.97 -18.50
C LEU A 18 11.25 10.99 -19.55
N GLU A 19 12.55 10.99 -19.84
CA GLU A 19 13.10 11.84 -20.87
C GLU A 19 13.75 10.85 -21.82
N LEU A 20 13.29 10.83 -23.06
CA LEU A 20 13.81 9.89 -24.05
C LEU A 20 14.94 10.46 -24.90
N ASP A 21 15.92 9.62 -25.18
CA ASP A 21 17.09 10.00 -25.98
C ASP A 21 16.88 9.75 -27.46
N LYS A 22 16.23 10.70 -28.12
CA LYS A 22 15.95 10.61 -29.55
C LYS A 22 17.20 10.56 -30.42
N GLN A 23 18.28 11.18 -29.95
CA GLN A 23 19.52 11.20 -30.72
C GLN A 23 20.24 9.86 -30.71
N LYS A 24 20.27 9.21 -29.54
CA LYS A 24 20.95 7.93 -29.41
C LYS A 24 20.10 6.68 -29.63
N ALA A 25 18.78 6.83 -29.54
CA ALA A 25 17.87 5.69 -29.73
C ALA A 25 16.67 6.13 -30.56
N PRO A 26 16.93 6.57 -31.80
CA PRO A 26 15.81 7.02 -32.65
C PRO A 26 14.70 5.99 -32.84
N VAL A 27 15.07 4.78 -33.23
CA VAL A 27 14.07 3.75 -33.47
C VAL A 27 13.32 3.37 -32.20
N SER A 28 14.03 3.19 -31.09
CA SER A 28 13.40 2.82 -29.82
C SER A 28 12.45 3.92 -29.33
N VAL A 29 12.89 5.18 -29.48
CA VAL A 29 12.07 6.32 -29.06
C VAL A 29 10.79 6.44 -29.91
N GLN A 30 10.92 6.34 -31.22
CA GLN A 30 9.76 6.44 -32.09
C GLN A 30 8.77 5.31 -31.78
N ASN A 31 9.31 4.12 -31.57
CA ASN A 31 8.49 2.94 -31.25
C ASN A 31 7.72 3.16 -29.95
N PHE A 32 8.42 3.65 -28.93
CA PHE A 32 7.82 3.89 -27.63
C PHE A 32 6.74 4.96 -27.69
N VAL A 33 7.09 6.12 -28.25
CA VAL A 33 6.16 7.23 -28.36
C VAL A 33 4.93 6.85 -29.17
N ASP A 34 5.10 6.00 -30.16
CA ASP A 34 3.98 5.56 -30.99
C ASP A 34 3.01 4.75 -30.13
N TYR A 35 3.54 3.90 -29.27
CA TYR A 35 2.71 3.10 -28.39
C TYR A 35 1.96 3.99 -27.40
N VAL A 36 2.65 4.94 -26.78
CA VAL A 36 1.97 5.81 -25.84
C VAL A 36 0.92 6.66 -26.52
N ASN A 37 1.26 7.25 -27.66
CA ASN A 37 0.32 8.11 -28.37
C ASN A 37 -0.92 7.35 -28.82
N SER A 38 -0.77 6.06 -29.06
CA SER A 38 -1.89 5.22 -29.49
C SER A 38 -2.73 4.75 -28.29
N GLY A 39 -2.25 5.03 -27.09
CA GLY A 39 -2.97 4.62 -25.89
C GLY A 39 -2.75 3.15 -25.56
N PHE A 40 -1.78 2.54 -26.22
CA PHE A 40 -1.46 1.13 -26.01
C PHE A 40 -1.09 0.76 -24.59
N TYR A 41 -0.29 1.61 -23.94
CA TYR A 41 0.16 1.33 -22.59
C TYR A 41 -0.90 1.51 -21.51
N ASN A 42 -1.95 2.26 -21.83
CA ASN A 42 -3.02 2.47 -20.84
C ASN A 42 -3.59 1.11 -20.46
N ASN A 43 -3.69 0.88 -19.15
CA ASN A 43 -4.22 -0.36 -18.61
C ASN A 43 -3.31 -1.57 -18.71
N THR A 44 -2.03 -1.33 -19.04
CA THR A 44 -1.08 -2.43 -19.04
C THR A 44 -0.48 -2.37 -17.64
N THR A 45 0.30 -3.36 -17.28
CA THR A 45 0.86 -3.40 -15.94
C THR A 45 2.36 -3.56 -15.90
N PHE A 46 2.89 -3.53 -14.69
CA PHE A 46 4.31 -3.78 -14.46
C PHE A 46 4.16 -5.21 -13.96
N HIS A 47 4.26 -6.15 -14.89
CA HIS A 47 4.07 -7.58 -14.61
C HIS A 47 5.25 -8.33 -14.04
N ARG A 48 6.43 -7.71 -14.07
CA ARG A 48 7.62 -8.37 -13.55
C ARG A 48 8.38 -7.37 -12.71
N VAL A 49 8.46 -7.65 -11.41
CA VAL A 49 9.12 -6.75 -10.50
C VAL A 49 10.13 -7.50 -9.63
N ILE A 50 11.38 -7.01 -9.62
CA ILE A 50 12.45 -7.63 -8.84
C ILE A 50 13.26 -6.57 -8.10
N PRO A 51 13.17 -6.54 -6.77
CA PRO A 51 13.92 -5.54 -5.99
C PRO A 51 15.43 -5.65 -6.22
N GLY A 52 16.08 -4.50 -6.36
CA GLY A 52 17.51 -4.48 -6.57
C GLY A 52 17.90 -4.84 -7.98
N PHE A 53 16.92 -4.89 -8.88
CA PHE A 53 17.18 -5.25 -10.27
C PHE A 53 16.43 -4.32 -11.23
N MET A 54 15.14 -4.56 -11.40
CA MET A 54 14.34 -3.74 -12.30
C MET A 54 12.83 -4.04 -12.21
N ILE A 55 12.04 -3.21 -12.89
CA ILE A 55 10.60 -3.39 -12.94
C ILE A 55 10.29 -3.34 -14.45
N GLN A 56 9.53 -4.32 -14.92
CA GLN A 56 9.21 -4.42 -16.33
C GLN A 56 7.71 -4.38 -16.59
N GLY A 57 7.32 -3.68 -17.65
CA GLY A 57 5.90 -3.59 -17.97
C GLY A 57 5.64 -3.26 -19.43
N GLY A 58 4.40 -2.87 -19.72
CA GLY A 58 4.02 -2.51 -21.07
C GLY A 58 3.62 -3.66 -21.98
N GLY A 59 3.13 -4.76 -21.44
CA GLY A 59 2.75 -5.86 -22.31
C GLY A 59 1.51 -6.64 -21.90
N PHE A 60 1.17 -6.62 -20.62
CA PHE A 60 0.03 -7.39 -20.13
C PHE A 60 -1.00 -6.55 -19.39
N THR A 61 -2.22 -7.06 -19.36
CA THR A 61 -3.31 -6.40 -18.65
C THR A 61 -3.31 -6.99 -17.23
N GLU A 62 -4.21 -6.50 -16.38
CA GLU A 62 -4.32 -6.99 -15.00
C GLU A 62 -4.63 -8.48 -14.94
N GLN A 63 -5.32 -8.98 -15.95
CA GLN A 63 -5.68 -10.40 -15.98
C GLN A 63 -4.59 -11.19 -16.68
N MET A 64 -3.40 -10.59 -16.77
CA MET A 64 -2.25 -11.20 -17.39
C MET A 64 -2.52 -11.64 -18.84
N GLN A 65 -3.26 -10.83 -19.57
CA GLN A 65 -3.55 -11.10 -20.97
C GLN A 65 -2.57 -10.23 -21.74
N GLN A 66 -1.87 -10.80 -22.71
CA GLN A 66 -0.90 -10.01 -23.47
C GLN A 66 -1.53 -9.28 -24.62
N LYS A 67 -1.25 -7.99 -24.73
CA LYS A 67 -1.80 -7.19 -25.80
C LYS A 67 -0.97 -7.47 -27.06
N LYS A 68 -1.62 -7.48 -28.21
CA LYS A 68 -0.94 -7.72 -29.48
C LYS A 68 -0.18 -6.44 -29.83
N PRO A 69 1.15 -6.51 -29.89
CA PRO A 69 1.96 -5.33 -30.20
C PRO A 69 2.20 -5.16 -31.70
N ASN A 70 2.98 -4.15 -32.05
CA ASN A 70 3.33 -3.90 -33.44
C ASN A 70 4.58 -4.74 -33.73
N PRO A 71 5.06 -4.76 -34.99
CA PRO A 71 6.25 -5.56 -35.29
C PRO A 71 7.47 -5.17 -34.48
N PRO A 72 8.37 -6.13 -34.22
CA PRO A 72 9.59 -5.91 -33.45
C PRO A 72 10.54 -4.91 -34.10
N ILE A 73 11.38 -4.29 -33.29
CA ILE A 73 12.33 -3.31 -33.77
C ILE A 73 13.77 -3.75 -33.62
N LYS A 74 14.66 -3.06 -34.32
CA LYS A 74 16.08 -3.36 -34.27
C LYS A 74 16.63 -2.94 -32.91
N ASN A 75 17.62 -3.68 -32.43
CA ASN A 75 18.25 -3.40 -31.15
C ASN A 75 19.27 -2.28 -31.25
N GLU A 76 19.10 -1.24 -30.44
CA GLU A 76 20.00 -0.10 -30.46
C GLU A 76 20.93 -0.06 -29.25
N ALA A 77 21.14 -1.22 -28.62
CA ALA A 77 21.99 -1.30 -27.45
C ALA A 77 23.43 -0.85 -27.71
N ASP A 78 23.85 -0.82 -28.97
CA ASP A 78 25.20 -0.38 -29.26
C ASP A 78 25.29 1.12 -29.44
N ASN A 79 24.35 1.85 -28.83
CA ASN A 79 24.35 3.31 -28.92
C ASN A 79 25.20 3.94 -27.82
N GLY A 80 25.85 3.12 -27.01
CA GLY A 80 26.70 3.65 -25.94
C GLY A 80 26.05 3.99 -24.62
N LEU A 81 24.72 3.87 -24.52
CA LEU A 81 24.04 4.16 -23.27
C LEU A 81 24.09 2.91 -22.39
N ARG A 82 24.25 3.10 -21.08
CA ARG A 82 24.34 1.96 -20.16
C ARG A 82 23.11 1.76 -19.29
N ASN A 83 22.93 0.54 -18.82
CA ASN A 83 21.79 0.21 -17.97
C ASN A 83 22.07 0.55 -16.51
N THR A 84 22.25 1.84 -16.23
CA THR A 84 22.52 2.30 -14.88
C THR A 84 21.18 2.60 -14.20
N ARG A 85 21.19 2.69 -12.89
CA ARG A 85 19.98 2.97 -12.13
C ARG A 85 19.29 4.22 -12.66
N GLY A 86 17.99 4.12 -12.91
CA GLY A 86 17.23 5.25 -13.40
C GLY A 86 17.01 5.30 -14.90
N THR A 87 17.58 4.35 -15.65
CA THR A 87 17.39 4.35 -17.09
C THR A 87 16.25 3.42 -17.52
N ILE A 88 15.70 3.67 -18.70
CA ILE A 88 14.63 2.86 -19.28
C ILE A 88 15.22 2.10 -20.46
N ALA A 89 14.90 0.81 -20.56
CA ALA A 89 15.42 0.00 -21.66
C ALA A 89 14.34 -0.91 -22.24
N MET A 90 14.60 -1.45 -23.42
CA MET A 90 13.63 -2.33 -24.05
C MET A 90 13.86 -3.78 -23.67
N ALA A 91 12.78 -4.45 -23.29
CA ALA A 91 12.84 -5.86 -22.94
C ALA A 91 12.74 -6.61 -24.27
N ARG A 92 13.24 -7.83 -24.31
CA ARG A 92 13.20 -8.60 -25.55
C ARG A 92 13.43 -10.06 -25.23
N THR A 93 13.43 -10.89 -26.26
CA THR A 93 13.66 -12.32 -26.07
C THR A 93 15.08 -12.66 -26.53
N ALA A 94 15.30 -13.93 -26.87
CA ALA A 94 16.62 -14.39 -27.30
C ALA A 94 17.14 -13.60 -28.48
N ASP A 95 16.29 -13.40 -29.49
CA ASP A 95 16.69 -12.65 -30.67
C ASP A 95 16.90 -11.20 -30.23
N LYS A 96 18.07 -10.65 -30.55
CA LYS A 96 18.36 -9.27 -30.16
C LYS A 96 17.42 -8.25 -30.79
N ASP A 97 16.85 -8.60 -31.95
CA ASP A 97 15.94 -7.71 -32.66
C ASP A 97 14.48 -8.15 -32.44
N SER A 98 14.17 -8.56 -31.21
CA SER A 98 12.83 -9.03 -30.86
C SER A 98 12.03 -8.11 -29.94
N ALA A 99 12.53 -6.91 -29.66
CA ALA A 99 11.80 -6.01 -28.77
C ALA A 99 10.54 -5.45 -29.44
N THR A 100 9.47 -5.33 -28.66
CA THR A 100 8.22 -4.78 -29.17
C THR A 100 7.71 -3.66 -28.26
N SER A 101 6.81 -3.99 -27.33
CA SER A 101 6.26 -2.96 -26.44
C SER A 101 6.79 -2.94 -25.01
N GLN A 102 7.29 -4.08 -24.54
CA GLN A 102 7.77 -4.17 -23.17
C GLN A 102 9.07 -3.47 -22.88
N PHE A 103 9.08 -2.74 -21.76
CA PHE A 103 10.24 -1.98 -21.35
C PHE A 103 10.50 -2.23 -19.87
N PHE A 104 11.69 -1.86 -19.41
CA PHE A 104 11.96 -2.03 -18.00
C PHE A 104 12.77 -0.84 -17.51
N ILE A 105 12.63 -0.54 -16.23
CA ILE A 105 13.37 0.55 -15.61
C ILE A 105 14.36 -0.09 -14.65
N ASN A 106 15.63 0.28 -14.77
CA ASN A 106 16.69 -0.24 -13.91
C ASN A 106 16.66 0.50 -12.58
N VAL A 107 16.52 -0.24 -11.48
CA VAL A 107 16.51 0.39 -10.16
C VAL A 107 17.87 0.16 -9.52
N ALA A 108 18.78 -0.40 -10.30
CA ALA A 108 20.13 -0.68 -9.87
C ALA A 108 21.03 -0.61 -11.10
N ASP A 109 22.34 -0.52 -10.88
CA ASP A 109 23.29 -0.48 -11.99
C ASP A 109 23.44 -1.91 -12.48
N ASN A 110 22.84 -2.21 -13.63
CA ASN A 110 22.88 -3.56 -14.18
C ASN A 110 23.78 -3.67 -15.40
N ALA A 111 25.08 -3.64 -15.14
CA ALA A 111 26.10 -3.71 -16.17
C ALA A 111 26.05 -4.97 -17.02
N PHE A 112 25.52 -6.05 -16.45
CA PHE A 112 25.44 -7.31 -17.19
C PHE A 112 24.43 -7.22 -18.33
N LEU A 113 23.62 -6.16 -18.33
CA LEU A 113 22.62 -5.98 -19.38
C LEU A 113 23.16 -5.13 -20.53
N ASP A 114 24.33 -4.54 -20.33
CA ASP A 114 24.95 -3.68 -21.33
C ASP A 114 25.53 -4.42 -22.54
N HIS A 115 25.47 -3.75 -23.69
CA HIS A 115 26.02 -4.28 -24.94
C HIS A 115 27.49 -4.58 -24.69
N GLY A 116 27.94 -5.77 -25.08
CA GLY A 116 29.34 -6.12 -24.85
C GLY A 116 29.84 -7.25 -25.72
N GLN A 117 31.00 -7.79 -25.38
CA GLN A 117 31.58 -8.87 -26.16
C GLN A 117 30.84 -10.19 -25.96
N ARG A 118 30.11 -10.34 -24.86
CA ARG A 118 29.41 -11.58 -24.61
C ARG A 118 27.98 -11.63 -25.12
N ASP A 119 27.32 -10.47 -25.15
CA ASP A 119 25.94 -10.42 -25.62
C ASP A 119 25.64 -9.02 -26.16
N PHE A 120 24.69 -8.93 -27.09
CA PHE A 120 24.36 -7.63 -27.66
C PHE A 120 23.77 -6.70 -26.61
N GLY A 121 23.17 -7.27 -25.57
CA GLY A 121 22.61 -6.44 -24.51
C GLY A 121 21.20 -5.91 -24.72
N TYR A 122 20.81 -4.98 -23.86
CA TYR A 122 19.48 -4.39 -23.91
C TYR A 122 19.59 -2.90 -24.20
N ALA A 123 18.79 -2.45 -25.15
CA ALA A 123 18.80 -1.07 -25.61
C ALA A 123 18.23 -0.04 -24.65
N VAL A 124 19.08 0.85 -24.15
CA VAL A 124 18.63 1.92 -23.27
C VAL A 124 18.18 3.05 -24.18
N PHE A 125 17.06 3.69 -23.86
CA PHE A 125 16.58 4.78 -24.70
C PHE A 125 16.04 5.98 -23.95
N GLY A 126 16.28 6.03 -22.65
CA GLY A 126 15.81 7.14 -21.86
C GLY A 126 16.21 7.01 -20.40
N LYS A 127 15.74 7.95 -19.59
CA LYS A 127 16.04 7.93 -18.17
C LYS A 127 14.85 8.51 -17.41
N VAL A 128 14.74 8.16 -16.14
CA VAL A 128 13.67 8.67 -15.30
C VAL A 128 14.15 10.02 -14.78
N VAL A 129 13.38 11.08 -15.01
CA VAL A 129 13.77 12.40 -14.53
C VAL A 129 12.96 12.75 -13.29
N LYS A 130 11.91 11.98 -13.03
CA LYS A 130 11.06 12.21 -11.88
C LYS A 130 10.34 10.92 -11.51
N GLY A 131 10.29 10.59 -10.23
CA GLY A 131 9.61 9.39 -9.80
C GLY A 131 10.44 8.14 -9.55
N MET A 132 11.74 8.29 -9.31
CA MET A 132 12.56 7.12 -9.04
C MET A 132 12.10 6.44 -7.75
N ASP A 133 11.63 7.23 -6.80
CA ASP A 133 11.15 6.68 -5.54
C ASP A 133 9.92 5.81 -5.82
N VAL A 134 9.16 6.20 -6.83
CA VAL A 134 7.96 5.45 -7.21
C VAL A 134 8.41 4.11 -7.80
N ALA A 135 9.44 4.16 -8.65
CA ALA A 135 9.96 2.95 -9.27
C ALA A 135 10.50 2.01 -8.19
N ASP A 136 11.13 2.57 -7.17
CA ASP A 136 11.66 1.76 -6.10
C ASP A 136 10.50 1.11 -5.38
N LYS A 137 9.45 1.90 -5.14
CA LYS A 137 8.26 1.41 -4.46
C LYS A 137 7.68 0.21 -5.20
N ILE A 138 7.44 0.40 -6.49
CA ILE A 138 6.87 -0.67 -7.31
C ILE A 138 7.71 -1.95 -7.24
N SER A 139 9.03 -1.81 -7.26
CA SER A 139 9.92 -2.95 -7.22
C SER A 139 9.80 -3.81 -5.97
N GLN A 140 9.27 -3.24 -4.89
CA GLN A 140 9.17 -4.00 -3.66
C GLN A 140 7.78 -4.47 -3.26
N VAL A 141 6.81 -4.32 -4.16
CA VAL A 141 5.46 -4.79 -3.84
C VAL A 141 5.46 -6.32 -3.79
N PRO A 142 4.66 -6.91 -2.89
CA PRO A 142 4.61 -8.38 -2.81
C PRO A 142 4.26 -8.98 -4.17
N THR A 143 4.85 -10.12 -4.48
CA THR A 143 4.57 -10.76 -5.76
C THR A 143 4.27 -12.25 -5.60
N HIS A 144 3.97 -12.90 -6.72
CA HIS A 144 3.69 -14.33 -6.75
C HIS A 144 3.72 -14.79 -8.20
N ASP A 145 3.60 -16.10 -8.41
CA ASP A 145 3.64 -16.64 -9.76
C ASP A 145 2.25 -16.73 -10.39
N VAL A 146 2.18 -16.35 -11.65
CA VAL A 146 0.93 -16.42 -12.40
C VAL A 146 1.29 -17.07 -13.72
N GLY A 147 0.75 -18.26 -13.96
CA GLY A 147 1.06 -18.95 -15.19
C GLY A 147 2.56 -19.19 -15.24
N PRO A 148 3.20 -18.98 -16.40
CA PRO A 148 4.65 -19.18 -16.54
C PRO A 148 5.44 -17.97 -16.08
N TYR A 149 4.75 -16.97 -15.56
CA TYR A 149 5.40 -15.76 -15.11
C TYR A 149 5.71 -15.73 -13.63
N GLN A 150 6.88 -15.23 -13.29
CA GLN A 150 7.29 -15.14 -11.90
C GLN A 150 7.42 -13.66 -11.55
N ASN A 151 7.39 -13.37 -10.25
CA ASN A 151 7.54 -12.01 -9.78
C ASN A 151 6.44 -11.07 -10.25
N VAL A 152 5.21 -11.58 -10.29
CA VAL A 152 4.06 -10.78 -10.71
C VAL A 152 3.43 -10.14 -9.48
N PRO A 153 3.30 -8.81 -9.47
CA PRO A 153 2.68 -8.17 -8.29
C PRO A 153 1.34 -8.82 -7.94
N SER A 154 1.17 -9.14 -6.65
CA SER A 154 -0.05 -9.75 -6.17
C SER A 154 -1.20 -8.79 -6.41
N LYS A 155 -0.93 -7.50 -6.18
CA LYS A 155 -1.91 -6.44 -6.42
C LYS A 155 -1.34 -5.71 -7.64
N PRO A 156 -1.97 -5.89 -8.80
CA PRO A 156 -1.49 -5.24 -10.03
C PRO A 156 -1.15 -3.76 -9.93
N VAL A 157 0.02 -3.41 -10.46
CA VAL A 157 0.48 -2.03 -10.50
C VAL A 157 0.14 -1.66 -11.94
N VAL A 158 -0.95 -0.91 -12.08
CA VAL A 158 -1.46 -0.50 -13.37
C VAL A 158 -0.96 0.84 -13.87
N ILE A 159 -0.70 0.90 -15.17
CA ILE A 159 -0.30 2.14 -15.80
C ILE A 159 -1.65 2.66 -16.27
N LEU A 160 -2.22 3.59 -15.52
CA LEU A 160 -3.53 4.14 -15.85
C LEU A 160 -3.49 5.02 -17.08
N SER A 161 -2.37 5.68 -17.29
CA SER A 161 -2.21 6.50 -18.48
C SER A 161 -0.75 6.79 -18.79
N ALA A 162 -0.47 6.99 -20.06
CA ALA A 162 0.87 7.30 -20.52
C ALA A 162 0.65 8.41 -21.53
N THR A 163 1.35 9.53 -21.36
CA THR A 163 1.17 10.64 -22.27
C THR A 163 2.45 11.40 -22.55
N VAL A 164 2.61 11.84 -23.79
CA VAL A 164 3.76 12.64 -24.19
C VAL A 164 3.42 14.04 -23.69
N LEU A 165 4.29 14.61 -22.86
CA LEU A 165 4.06 15.93 -22.30
C LEU A 165 4.39 17.06 -23.26
N PRO A 166 3.76 18.23 -23.07
CA PRO A 166 4.03 19.35 -23.96
C PRO A 166 5.42 19.94 -23.67
N ALA B 1 -13.51 -11.55 12.59
CA ALA B 1 -13.55 -12.14 13.96
C ALA B 1 -14.13 -13.55 13.94
N LYS B 2 -15.24 -13.73 14.65
CA LYS B 2 -15.89 -15.04 14.72
C LYS B 2 -14.88 -16.12 15.08
N GLY B 3 -13.74 -15.69 15.62
CA GLY B 3 -12.69 -16.62 15.99
C GLY B 3 -12.95 -17.29 17.32
N ASP B 4 -12.42 -16.72 18.40
CA ASP B 4 -12.58 -17.35 19.69
C ASP B 4 -12.84 -16.46 20.91
N PRO B 5 -11.85 -15.64 21.30
CA PRO B 5 -12.08 -14.79 22.48
C PRO B 5 -13.17 -13.76 22.37
N HIS B 6 -13.88 -13.58 23.48
CA HIS B 6 -14.95 -12.60 23.55
C HIS B 6 -14.52 -11.64 24.65
N VAL B 7 -14.70 -10.35 24.39
CA VAL B 7 -14.33 -9.34 25.37
C VAL B 7 -15.51 -8.43 25.60
N LEU B 8 -15.75 -8.10 26.87
CA LEU B 8 -16.84 -7.22 27.24
C LEU B 8 -16.26 -5.90 27.68
N LEU B 9 -16.66 -4.83 27.00
CA LEU B 9 -16.21 -3.49 27.35
C LEU B 9 -17.42 -2.81 27.97
N THR B 10 -17.35 -2.55 29.28
CA THR B 10 -18.43 -1.87 29.95
C THR B 10 -18.04 -0.41 29.97
N THR B 11 -18.78 0.43 29.24
CA THR B 11 -18.47 1.85 29.19
C THR B 11 -19.56 2.64 29.89
N SER B 12 -19.27 3.91 30.16
CA SER B 12 -20.24 4.79 30.82
C SER B 12 -21.44 5.02 29.90
N ALA B 13 -21.35 4.57 28.66
CA ALA B 13 -22.43 4.74 27.68
C ALA B 13 -23.15 3.43 27.37
N GLY B 14 -22.64 2.33 27.90
CA GLY B 14 -23.26 1.05 27.63
C GLY B 14 -22.25 -0.05 27.39
N ASN B 15 -22.72 -1.28 27.21
CA ASN B 15 -21.84 -2.40 27.02
C ASN B 15 -21.60 -2.78 25.56
N ILE B 16 -20.36 -3.15 25.27
CA ILE B 16 -19.97 -3.55 23.93
C ILE B 16 -19.26 -4.88 24.04
N GLU B 17 -19.77 -5.88 23.32
CA GLU B 17 -19.15 -7.19 23.34
C GLU B 17 -18.41 -7.41 22.02
N LEU B 18 -17.15 -7.82 22.13
CA LEU B 18 -16.33 -8.06 20.95
C LEU B 18 -15.96 -9.52 20.78
N GLU B 19 -15.84 -9.95 19.53
CA GLU B 19 -15.41 -11.30 19.22
C GLU B 19 -14.11 -11.07 18.45
N LEU B 20 -13.00 -11.57 18.97
CA LEU B 20 -11.69 -11.36 18.34
C LEU B 20 -11.26 -12.52 17.44
N ASP B 21 -10.73 -12.17 16.26
CA ASP B 21 -10.28 -13.14 15.27
C ASP B 21 -8.86 -13.64 15.50
N LYS B 22 -8.73 -14.67 16.32
CA LYS B 22 -7.42 -15.23 16.65
C LYS B 22 -6.71 -15.88 15.46
N GLN B 23 -7.47 -16.39 14.50
CA GLN B 23 -6.87 -17.04 13.34
C GLN B 23 -6.32 -16.03 12.33
N LYS B 24 -7.07 -14.95 12.11
CA LYS B 24 -6.67 -13.93 11.15
C LYS B 24 -5.69 -12.90 11.71
N ALA B 25 -5.75 -12.64 13.01
CA ALA B 25 -4.87 -11.66 13.63
C ALA B 25 -4.33 -12.13 14.98
N PRO B 26 -3.49 -13.18 14.97
CA PRO B 26 -2.92 -13.74 16.20
C PRO B 26 -2.16 -12.79 17.14
N VAL B 27 -1.24 -11.98 16.62
CA VAL B 27 -0.49 -11.08 17.51
C VAL B 27 -1.33 -9.90 17.99
N SER B 28 -2.28 -9.45 17.16
CA SER B 28 -3.14 -8.33 17.54
C SER B 28 -4.09 -8.79 18.65
N VAL B 29 -4.63 -9.99 18.51
CA VAL B 29 -5.55 -10.53 19.51
C VAL B 29 -4.82 -10.78 20.83
N GLN B 30 -3.68 -11.45 20.78
CA GLN B 30 -2.92 -11.71 22.00
C GLN B 30 -2.58 -10.39 22.69
N ASN B 31 -2.11 -9.43 21.90
CA ASN B 31 -1.75 -8.11 22.42
C ASN B 31 -2.92 -7.44 23.13
N PHE B 32 -4.09 -7.47 22.51
CA PHE B 32 -5.29 -6.87 23.07
C PHE B 32 -5.74 -7.60 24.34
N VAL B 33 -5.74 -8.93 24.28
CA VAL B 33 -6.15 -9.74 25.42
C VAL B 33 -5.22 -9.54 26.62
N ASP B 34 -3.93 -9.35 26.37
CA ASP B 34 -3.00 -9.14 27.47
C ASP B 34 -3.29 -7.82 28.20
N TYR B 35 -3.67 -6.79 27.44
CA TYR B 35 -3.98 -5.50 28.03
C TYR B 35 -5.26 -5.61 28.87
N VAL B 36 -6.25 -6.29 28.30
CA VAL B 36 -7.52 -6.49 28.98
C VAL B 36 -7.29 -7.23 30.28
N ASN B 37 -6.58 -8.36 30.18
CA ASN B 37 -6.29 -9.19 31.33
C ASN B 37 -5.51 -8.50 32.43
N SER B 38 -4.63 -7.58 32.06
CA SER B 38 -3.83 -6.89 33.05
C SER B 38 -4.58 -5.73 33.69
N GLY B 39 -5.76 -5.43 33.16
CA GLY B 39 -6.57 -4.34 33.68
C GLY B 39 -6.14 -2.99 33.14
N PHE B 40 -5.34 -3.02 32.08
CA PHE B 40 -4.83 -1.80 31.46
C PHE B 40 -5.90 -0.87 30.91
N TYR B 41 -6.95 -1.43 30.32
CA TYR B 41 -7.99 -0.62 29.73
C TYR B 41 -9.00 -0.08 30.74
N ASN B 42 -8.95 -0.58 31.97
CA ASN B 42 -9.88 -0.08 32.99
C ASN B 42 -9.61 1.39 33.27
N ASN B 43 -10.66 2.20 33.16
CA ASN B 43 -10.55 3.63 33.40
C ASN B 43 -9.82 4.41 32.31
N THR B 44 -9.80 3.87 31.10
CA THR B 44 -9.23 4.62 29.98
C THR B 44 -10.48 5.13 29.30
N THR B 45 -10.33 6.08 28.38
CA THR B 45 -11.49 6.66 27.72
C THR B 45 -11.43 6.49 26.22
N PHE B 46 -12.52 6.89 25.56
CA PHE B 46 -12.55 6.91 24.10
C PHE B 46 -12.23 8.40 23.93
N HIS B 47 -10.95 8.68 23.72
CA HIS B 47 -10.45 10.05 23.62
C HIS B 47 -10.62 10.75 22.28
N ARG B 48 -10.98 10.00 21.26
CA ARG B 48 -11.18 10.58 19.93
C ARG B 48 -12.37 9.93 19.26
N VAL B 49 -13.42 10.71 19.05
CA VAL B 49 -14.61 10.19 18.41
C VAL B 49 -15.06 11.12 17.29
N ILE B 50 -15.28 10.55 16.12
CA ILE B 50 -15.71 11.29 14.95
C ILE B 50 -16.95 10.62 14.36
N PRO B 51 -18.08 11.36 14.30
CA PRO B 51 -19.34 10.83 13.77
C PRO B 51 -19.18 10.26 12.37
N GLY B 52 -19.86 9.14 12.12
CA GLY B 52 -19.79 8.51 10.81
C GLY B 52 -18.43 7.95 10.44
N PHE B 53 -17.49 7.96 11.37
CA PHE B 53 -16.15 7.47 11.08
C PHE B 53 -15.71 6.37 12.06
N MET B 54 -15.35 6.76 13.28
CA MET B 54 -14.93 5.78 14.28
C MET B 54 -14.81 6.39 15.65
N ILE B 55 -14.62 5.51 16.65
CA ILE B 55 -14.41 5.94 18.02
C ILE B 55 -13.11 5.24 18.42
N GLN B 56 -12.18 6.01 18.95
CA GLN B 56 -10.88 5.50 19.34
C GLN B 56 -10.63 5.60 20.83
N GLY B 57 -9.97 4.60 21.39
CA GLY B 57 -9.68 4.64 22.83
C GLY B 57 -8.52 3.76 23.23
N GLY B 58 -8.46 3.46 24.52
CA GLY B 58 -7.41 2.59 25.05
C GLY B 58 -6.03 3.19 25.26
N GLY B 59 -5.95 4.50 25.38
CA GLY B 59 -4.64 5.11 25.59
C GLY B 59 -4.54 6.17 26.67
N PHE B 60 -5.66 6.80 27.02
CA PHE B 60 -5.62 7.86 28.02
C PHE B 60 -6.60 7.68 29.16
N THR B 61 -6.27 8.28 30.31
CA THR B 61 -7.13 8.24 31.48
C THR B 61 -8.12 9.38 31.36
N GLU B 62 -9.00 9.50 32.35
CA GLU B 62 -10.02 10.55 32.37
C GLU B 62 -9.40 11.95 32.48
N GLN B 63 -8.14 12.01 32.89
CA GLN B 63 -7.47 13.30 33.02
C GLN B 63 -6.57 13.54 31.83
N MET B 64 -6.76 12.75 30.78
CA MET B 64 -5.97 12.86 29.57
C MET B 64 -4.50 12.50 29.80
N GLN B 65 -4.25 11.68 30.81
CA GLN B 65 -2.91 11.22 31.11
C GLN B 65 -2.64 9.97 30.26
N GLN B 66 -1.55 9.99 29.50
CA GLN B 66 -1.23 8.87 28.65
C GLN B 66 -0.69 7.70 29.47
N LYS B 67 -1.23 6.52 29.25
CA LYS B 67 -0.79 5.32 29.97
C LYS B 67 0.42 4.77 29.25
N LYS B 68 1.32 4.14 30.00
CA LYS B 68 2.53 3.56 29.44
C LYS B 68 2.22 2.16 28.94
N PRO B 69 2.30 1.96 27.61
CA PRO B 69 2.02 0.66 27.00
C PRO B 69 3.22 -0.30 26.95
N ASN B 70 2.97 -1.49 26.41
CA ASN B 70 4.01 -2.50 26.25
C ASN B 70 4.66 -2.30 24.89
N PRO B 71 5.68 -3.11 24.55
CA PRO B 71 6.33 -2.96 23.24
C PRO B 71 5.30 -3.01 22.10
N PRO B 72 5.58 -2.29 21.01
CA PRO B 72 4.67 -2.26 19.85
C PRO B 72 4.59 -3.60 19.14
N ILE B 73 3.55 -3.77 18.33
CA ILE B 73 3.36 -5.02 17.61
C ILE B 73 3.40 -4.89 16.09
N LYS B 74 3.66 -6.02 15.44
CA LYS B 74 3.71 -6.05 13.99
C LYS B 74 2.32 -5.75 13.44
N ASN B 75 2.27 -5.05 12.31
CA ASN B 75 0.99 -4.71 11.68
C ASN B 75 0.47 -5.88 10.86
N GLU B 76 -0.72 -6.35 11.21
CA GLU B 76 -1.36 -7.47 10.51
C GLU B 76 -2.45 -7.02 9.53
N ALA B 77 -2.33 -5.81 9.00
CA ALA B 77 -3.32 -5.28 8.08
C ALA B 77 -3.45 -6.05 6.76
N ASP B 78 -2.49 -6.91 6.46
CA ASP B 78 -2.54 -7.66 5.22
C ASP B 78 -3.19 -9.03 5.42
N ASN B 79 -3.98 -9.17 6.48
CA ASN B 79 -4.65 -10.43 6.79
C ASN B 79 -5.97 -10.61 6.05
N GLY B 80 -6.33 -9.64 5.22
CA GLY B 80 -7.56 -9.75 4.46
C GLY B 80 -8.82 -9.17 5.08
N LEU B 81 -8.76 -8.77 6.34
CA LEU B 81 -9.94 -8.21 6.99
C LEU B 81 -10.07 -6.73 6.68
N ARG B 82 -11.28 -6.30 6.35
CA ARG B 82 -11.53 -4.90 6.01
C ARG B 82 -12.13 -4.11 7.17
N ASN B 83 -11.89 -2.81 7.14
CA ASN B 83 -12.39 -1.89 8.15
C ASN B 83 -13.82 -1.50 7.83
N THR B 84 -14.70 -2.49 7.90
CA THR B 84 -16.11 -2.26 7.62
C THR B 84 -16.80 -1.94 8.94
N ARG B 85 -18.01 -1.40 8.86
CA ARG B 85 -18.75 -1.05 10.05
C ARG B 85 -18.83 -2.21 11.05
N GLY B 86 -18.52 -1.91 12.30
CA GLY B 86 -18.60 -2.95 13.32
C GLY B 86 -17.32 -3.68 13.65
N THR B 87 -16.24 -3.36 12.95
CA THR B 87 -14.97 -4.01 13.19
C THR B 87 -14.10 -3.20 14.14
N ILE B 88 -13.21 -3.89 14.83
CA ILE B 88 -12.27 -3.23 15.74
C ILE B 88 -10.89 -3.35 15.11
N ALA B 89 -10.14 -2.27 15.11
CA ALA B 89 -8.82 -2.24 14.52
C ALA B 89 -7.81 -1.52 15.42
N MET B 90 -6.53 -1.69 15.11
CA MET B 90 -5.48 -1.07 15.89
C MET B 90 -5.06 0.29 15.34
N ALA B 91 -5.00 1.28 16.22
CA ALA B 91 -4.56 2.60 15.83
C ALA B 91 -3.03 2.55 15.95
N ARG B 92 -2.36 3.45 15.23
CA ARG B 92 -0.89 3.50 15.28
C ARG B 92 -0.48 4.84 14.71
N THR B 93 0.82 5.10 14.71
CA THR B 93 1.32 6.35 14.16
C THR B 93 1.81 6.10 12.75
N ALA B 94 2.62 7.02 12.23
CA ALA B 94 3.13 6.90 10.87
C ALA B 94 3.72 5.53 10.54
N ASP B 95 4.55 5.01 11.43
CA ASP B 95 5.18 3.71 11.21
C ASP B 95 4.14 2.59 11.30
N LYS B 96 4.15 1.70 10.31
CA LYS B 96 3.19 0.62 10.27
C LYS B 96 3.25 -0.35 11.46
N ASP B 97 4.42 -0.51 12.06
CA ASP B 97 4.56 -1.41 13.19
C ASP B 97 4.71 -0.65 14.51
N SER B 98 3.89 0.37 14.70
CA SER B 98 3.94 1.20 15.91
C SER B 98 2.72 1.04 16.82
N ALA B 99 1.80 0.16 16.47
CA ALA B 99 0.61 -0.03 17.29
C ALA B 99 0.95 -0.59 18.67
N THR B 100 0.29 -0.08 19.71
CA THR B 100 0.51 -0.60 21.05
C THR B 100 -0.81 -0.97 21.69
N SER B 101 -1.45 -0.04 22.39
CA SER B 101 -2.71 -0.32 23.08
C SER B 101 -3.97 0.34 22.51
N GLN B 102 -3.80 1.39 21.73
CA GLN B 102 -4.95 2.10 21.18
C GLN B 102 -5.64 1.37 20.04
N PHE B 103 -6.96 1.34 20.12
CA PHE B 103 -7.78 0.67 19.14
C PHE B 103 -8.93 1.58 18.77
N PHE B 104 -9.61 1.25 17.68
CA PHE B 104 -10.77 2.01 17.27
C PHE B 104 -11.81 1.09 16.68
N ILE B 105 -13.08 1.46 16.85
CA ILE B 105 -14.18 0.68 16.32
C ILE B 105 -14.75 1.49 15.16
N ASN B 106 -14.81 0.88 13.98
CA ASN B 106 -15.36 1.54 12.80
C ASN B 106 -16.87 1.60 12.87
N VAL B 107 -17.45 2.78 12.70
CA VAL B 107 -18.91 2.88 12.74
C VAL B 107 -19.45 3.07 11.32
N ALA B 108 -18.56 2.87 10.35
CA ALA B 108 -18.89 2.99 8.94
C ALA B 108 -17.86 2.17 8.17
N ASP B 109 -18.11 1.91 6.89
CA ASP B 109 -17.17 1.16 6.09
C ASP B 109 -16.07 2.14 5.69
N ASN B 110 -14.93 2.06 6.37
CA ASN B 110 -13.82 2.97 6.14
C ASN B 110 -12.72 2.34 5.28
N ALA B 111 -13.05 2.12 4.01
CA ALA B 111 -12.13 1.50 3.06
C ALA B 111 -10.81 2.24 2.87
N PHE B 112 -10.81 3.54 3.11
CA PHE B 112 -9.59 4.30 2.95
C PHE B 112 -8.55 3.86 3.98
N LEU B 113 -8.98 3.10 4.99
CA LEU B 113 -8.07 2.62 6.03
C LEU B 113 -7.56 1.22 5.72
N ASP B 114 -8.14 0.61 4.70
CA ASP B 114 -7.78 -0.75 4.31
C ASP B 114 -6.41 -0.87 3.65
N HIS B 115 -5.74 -1.98 3.93
CA HIS B 115 -4.42 -2.28 3.37
C HIS B 115 -4.43 -2.17 1.84
N GLY B 116 -3.46 -1.46 1.30
CA GLY B 116 -3.38 -1.31 -0.14
C GLY B 116 -1.97 -1.01 -0.60
N GLN B 117 -1.82 -0.70 -1.89
CA GLN B 117 -0.52 -0.38 -2.44
C GLN B 117 -0.07 1.01 -1.99
N ARG B 118 -1.03 1.91 -1.81
CA ARG B 118 -0.72 3.28 -1.39
C ARG B 118 -0.33 3.39 0.09
N ASP B 119 -0.91 2.54 0.93
CA ASP B 119 -0.61 2.55 2.36
C ASP B 119 -0.86 1.18 2.97
N PHE B 120 -0.05 0.79 3.94
CA PHE B 120 -0.20 -0.51 4.57
C PHE B 120 -1.54 -0.65 5.29
N GLY B 121 -2.12 0.46 5.71
CA GLY B 121 -3.41 0.42 6.35
C GLY B 121 -3.41 0.11 7.84
N TYR B 122 -4.60 -0.20 8.34
CA TYR B 122 -4.83 -0.50 9.75
C TYR B 122 -5.36 -1.91 9.94
N ALA B 123 -4.73 -2.63 10.87
CA ALA B 123 -5.07 -4.02 11.15
C ALA B 123 -6.37 -4.24 11.91
N VAL B 124 -7.27 -4.97 11.28
CA VAL B 124 -8.57 -5.31 11.86
C VAL B 124 -8.33 -6.65 12.57
N PHE B 125 -8.84 -6.79 13.79
CA PHE B 125 -8.62 -8.03 14.54
C PHE B 125 -9.88 -8.55 15.22
N GLY B 126 -11.02 -7.98 14.90
CA GLY B 126 -12.24 -8.44 15.53
C GLY B 126 -13.47 -7.68 15.10
N LYS B 127 -14.59 -7.97 15.75
CA LYS B 127 -15.83 -7.32 15.40
C LYS B 127 -16.75 -7.17 16.61
N VAL B 128 -17.62 -6.17 16.54
CA VAL B 128 -18.59 -5.93 17.59
C VAL B 128 -19.73 -6.92 17.36
N VAL B 129 -20.01 -7.77 18.34
CA VAL B 129 -21.09 -8.73 18.20
C VAL B 129 -22.31 -8.29 18.99
N LYS B 130 -22.13 -7.31 19.87
CA LYS B 130 -23.23 -6.77 20.66
C LYS B 130 -22.87 -5.36 21.09
N GLY B 131 -23.83 -4.43 20.98
CA GLY B 131 -23.58 -3.07 21.39
C GLY B 131 -23.17 -2.09 20.29
N MET B 132 -23.49 -2.38 19.04
CA MET B 132 -23.14 -1.47 17.96
C MET B 132 -23.90 -0.17 18.23
N ASP B 133 -25.07 -0.30 18.84
CA ASP B 133 -25.90 0.86 19.18
C ASP B 133 -25.15 1.77 20.13
N VAL B 134 -24.36 1.17 21.02
CA VAL B 134 -23.57 1.92 21.99
C VAL B 134 -22.41 2.64 21.30
N ALA B 135 -21.72 1.94 20.39
CA ALA B 135 -20.61 2.55 19.67
C ALA B 135 -21.16 3.72 18.86
N ASP B 136 -22.35 3.56 18.29
CA ASP B 136 -22.96 4.63 17.51
C ASP B 136 -23.26 5.83 18.40
N LYS B 137 -23.76 5.58 19.60
CA LYS B 137 -24.08 6.66 20.53
C LYS B 137 -22.81 7.41 20.90
N ILE B 138 -21.77 6.66 21.24
CA ILE B 138 -20.50 7.25 21.63
C ILE B 138 -19.95 8.14 20.51
N SER B 139 -20.08 7.69 19.27
CA SER B 139 -19.59 8.44 18.13
C SER B 139 -20.31 9.78 17.94
N GLN B 140 -21.48 9.92 18.56
CA GLN B 140 -22.27 11.12 18.42
C GLN B 140 -22.25 12.11 19.58
N VAL B 141 -21.47 11.84 20.61
CA VAL B 141 -21.41 12.77 21.74
C VAL B 141 -20.69 14.07 21.35
N PRO B 142 -21.08 15.19 21.98
CA PRO B 142 -20.44 16.48 21.68
C PRO B 142 -18.95 16.40 21.98
N THR B 143 -18.14 17.02 21.14
CA THR B 143 -16.71 17.00 21.33
C THR B 143 -16.15 18.40 21.08
N HIS B 144 -14.88 18.57 21.41
CA HIS B 144 -14.20 19.83 21.16
C HIS B 144 -12.69 19.60 21.19
N ASP B 145 -11.95 20.50 20.58
CA ASP B 145 -10.50 20.38 20.54
C ASP B 145 -9.86 20.96 21.79
N VAL B 146 -9.28 20.08 22.60
CA VAL B 146 -8.60 20.48 23.82
C VAL B 146 -7.12 20.47 23.48
N GLY B 147 -6.54 21.67 23.46
CA GLY B 147 -5.13 21.79 23.15
C GLY B 147 -4.69 20.92 21.99
N PRO B 148 -3.67 20.09 22.20
CA PRO B 148 -3.14 19.20 21.16
C PRO B 148 -4.13 18.17 20.66
N TYR B 149 -5.23 17.99 21.37
CA TYR B 149 -6.23 17.01 21.00
C TYR B 149 -7.58 17.60 20.59
N GLN B 150 -8.08 17.14 19.45
CA GLN B 150 -9.37 17.58 18.94
C GLN B 150 -10.28 16.37 18.94
N ASN B 151 -11.58 16.61 18.80
CA ASN B 151 -12.54 15.51 18.77
C ASN B 151 -12.56 14.72 20.06
N VAL B 152 -12.25 15.40 21.17
CA VAL B 152 -12.28 14.75 22.46
C VAL B 152 -13.66 14.98 23.05
N PRO B 153 -14.34 13.92 23.51
CA PRO B 153 -15.67 14.14 24.08
C PRO B 153 -15.64 15.15 25.22
N SER B 154 -16.60 16.08 25.22
CA SER B 154 -16.68 17.11 26.24
C SER B 154 -16.93 16.52 27.61
N LYS B 155 -17.72 15.44 27.64
CA LYS B 155 -18.00 14.71 28.87
C LYS B 155 -17.32 13.38 28.56
N PRO B 156 -16.40 12.95 29.42
CA PRO B 156 -15.69 11.69 29.19
C PRO B 156 -16.53 10.44 28.98
N VAL B 157 -16.15 9.66 27.99
CA VAL B 157 -16.81 8.39 27.72
C VAL B 157 -15.73 7.44 28.21
N VAL B 158 -15.94 6.81 29.36
CA VAL B 158 -14.91 5.94 29.89
C VAL B 158 -15.18 4.45 29.90
N ILE B 159 -14.12 3.70 29.63
CA ILE B 159 -14.20 2.25 29.65
C ILE B 159 -13.98 1.94 31.14
N LEU B 160 -15.06 1.65 31.86
CA LEU B 160 -14.95 1.37 33.28
C LEU B 160 -14.26 0.05 33.53
N SER B 161 -14.55 -0.93 32.70
CA SER B 161 -13.92 -2.23 32.82
C SER B 161 -13.92 -2.96 31.50
N ALA B 162 -12.93 -3.81 31.33
CA ALA B 162 -12.80 -4.63 30.13
C ALA B 162 -12.47 -6.01 30.65
N THR B 163 -13.20 -7.02 30.21
CA THR B 163 -12.94 -8.36 30.69
C THR B 163 -13.15 -9.44 29.63
N VAL B 164 -12.31 -10.46 29.67
CA VAL B 164 -12.45 -11.57 28.75
C VAL B 164 -13.63 -12.38 29.31
N LEU B 165 -14.55 -12.75 28.44
CA LEU B 165 -15.74 -13.49 28.83
C LEU B 165 -15.52 -14.99 28.87
N PRO B 166 -16.22 -15.69 29.77
CA PRO B 166 -16.06 -17.15 29.85
C PRO B 166 -16.57 -17.79 28.57
N ALA C 2 -1.89 6.89 18.82
CA ALA C 2 -2.19 6.73 17.41
C ALA C 2 -3.33 7.65 16.96
N ALA C 3 -3.67 7.57 15.68
CA ALA C 3 -4.74 8.38 15.13
C ALA C 3 -4.94 8.13 13.64
N PRO C 4 -5.78 7.14 13.29
CA PRO C 4 -6.03 6.82 11.89
C PRO C 4 -6.43 8.09 11.13
N ALA C 5 -5.66 8.43 10.12
CA ALA C 5 -5.91 9.61 9.31
C ALA C 5 -7.05 9.34 8.34
#